data_2OPK
#
_entry.id   2OPK
#
_cell.length_a   75.580
_cell.length_b   75.580
_cell.length_c   198.870
_cell.angle_alpha   90.000
_cell.angle_beta   90.000
_cell.angle_gamma   90.000
#
_symmetry.space_group_name_H-M   'P 43 21 2'
#
loop_
_entity.id
_entity.type
_entity.pdbx_description
1 polymer 'Hypothetical protein'
2 non-polymer 'UNKNOWN LIGAND'
3 non-polymer GLYCEROL
4 non-polymer 'CHLORIDE ION'
5 water water
#
_entity_poly.entity_id   1
_entity_poly.type   'polypeptide(L)'
_entity_poly.pdbx_seq_one_letter_code
;G(MSE)DPKHGNLFADVPVGAPDEIFQPLLERKGLKIERIISNGQASPPGFWYDSPQDEWV(MSE)VVSGSAGIECEGDT
APRV(MSE)RPGDWLHVPAHCRHRVAWTDGGEPTVWLAVHCDAA
;
_entity_poly.pdbx_strand_id   A,B,C,D
#
loop_
_chem_comp.id
_chem_comp.type
_chem_comp.name
_chem_comp.formula
CL non-polymer 'CHLORIDE ION' 'Cl -1'
GOL non-polymer GLYCEROL 'C3 H8 O3'
UNL non-polymer 'UNKNOWN LIGAND' ?
#
# COMPACT_ATOMS: atom_id res chain seq x y z
N MSE A 2 -10.09 22.95 11.50
CA MSE A 2 -9.04 23.61 12.33
C MSE A 2 -7.72 22.82 12.30
O MSE A 2 -6.68 23.36 11.93
CB MSE A 2 -9.53 23.78 13.78
N ASP A 3 -7.77 21.53 12.71
CA ASP A 3 -6.62 20.61 12.70
C ASP A 3 -6.75 19.59 11.55
N PRO A 4 -5.61 19.14 10.96
CA PRO A 4 -5.72 18.13 9.90
C PRO A 4 -6.05 16.71 10.43
N LYS A 5 -6.74 15.91 9.62
CA LYS A 5 -6.96 14.50 9.89
C LYS A 5 -6.41 13.63 8.75
N HIS A 6 -6.11 12.37 9.07
CA HIS A 6 -5.57 11.42 8.13
C HIS A 6 -6.21 10.03 8.29
N GLY A 7 -6.11 9.23 7.26
CA GLY A 7 -6.58 7.88 7.34
C GLY A 7 -6.01 7.08 6.20
N ASN A 8 -6.46 5.82 6.14
CA ASN A 8 -6.07 4.89 5.12
C ASN A 8 -7.34 4.17 4.66
N LEU A 9 -7.57 4.15 3.35
CA LEU A 9 -8.78 3.55 2.78
C LEU A 9 -8.79 2.04 2.92
N PHE A 10 -7.63 1.45 3.17
CA PHE A 10 -7.52 0.00 3.39
C PHE A 10 -7.57 -0.43 4.84
N ALA A 11 -7.74 0.51 5.76
CA ALA A 11 -7.85 0.22 7.18
C ALA A 11 -9.31 0.02 7.56
N ASP A 12 -9.55 -0.89 8.50
CA ASP A 12 -10.90 -1.18 8.98
C ASP A 12 -11.86 -1.51 7.86
N VAL A 13 -11.46 -2.37 6.96
CA VAL A 13 -12.32 -2.89 5.90
C VAL A 13 -13.09 -4.13 6.38
N PRO A 14 -14.39 -4.01 6.56
CA PRO A 14 -15.10 -5.22 6.99
C PRO A 14 -15.35 -6.20 5.88
N VAL A 15 -14.48 -7.20 5.76
CA VAL A 15 -14.62 -8.21 4.71
C VAL A 15 -15.87 -9.11 4.93
N GLY A 16 -16.60 -9.37 3.85
CA GLY A 16 -17.85 -10.11 3.90
C GLY A 16 -19.03 -9.45 4.62
N ALA A 17 -18.97 -8.15 4.91
CA ALA A 17 -20.15 -7.51 5.51
C ALA A 17 -21.33 -7.82 4.57
N PRO A 18 -22.52 -8.18 5.12
CA PRO A 18 -23.68 -8.48 4.29
C PRO A 18 -24.16 -7.34 3.40
N ASP A 19 -24.03 -6.11 3.89
CA ASP A 19 -24.50 -4.94 3.16
C ASP A 19 -23.37 -3.94 2.88
N GLU A 20 -23.61 -3.04 1.92
CA GLU A 20 -22.65 -2.04 1.57
C GLU A 20 -22.58 -1.02 2.71
N ILE A 21 -21.36 -0.56 2.99
CA ILE A 21 -21.00 0.31 4.11
C ILE A 21 -20.53 1.63 3.51
N PHE A 22 -21.03 2.74 4.03
CA PHE A 22 -20.65 4.06 3.55
C PHE A 22 -20.08 4.82 4.73
N GLN A 23 -18.99 5.56 4.51
CA GLN A 23 -18.34 6.33 5.57
C GLN A 23 -17.78 7.64 5.01
N PRO A 24 -18.31 8.76 5.50
CA PRO A 24 -17.83 10.06 5.02
C PRO A 24 -16.43 10.39 5.49
N LEU A 25 -15.61 10.86 4.56
CA LEU A 25 -14.25 11.33 4.86
C LEU A 25 -14.24 12.87 4.99
N LEU A 26 -15.03 13.56 4.16
CA LEU A 26 -15.16 15.01 4.28
C LEU A 26 -16.56 15.47 3.88
N GLU A 27 -17.12 16.37 4.67
CA GLU A 27 -18.40 16.96 4.38
C GLU A 27 -18.30 18.48 4.51
N ARG A 28 -18.64 19.18 3.44
CA ARG A 28 -18.71 20.66 3.43
C ARG A 28 -19.98 21.03 2.68
N LYS A 29 -20.34 22.30 2.68
CA LYS A 29 -21.51 22.76 1.92
C LYS A 29 -21.42 22.31 0.48
N GLY A 30 -22.40 21.49 0.09
CA GLY A 30 -22.50 20.98 -1.25
C GLY A 30 -21.43 19.99 -1.65
N LEU A 31 -20.83 19.33 -0.64
CA LEU A 31 -19.73 18.39 -0.91
C LEU A 31 -19.64 17.25 0.07
N LYS A 32 -19.51 16.03 -0.44
CA LYS A 32 -19.26 14.88 0.40
C LYS A 32 -18.26 13.97 -0.29
N ILE A 33 -17.15 13.71 0.39
CA ILE A 33 -16.22 12.68 -0.03
C ILE A 33 -16.52 11.50 0.89
N GLU A 34 -16.63 10.30 0.33
CA GLU A 34 -16.86 9.14 1.16
C GLU A 34 -16.16 7.87 0.71
N ARG A 35 -15.92 6.97 1.66
CA ARG A 35 -15.47 5.62 1.30
C ARG A 35 -16.68 4.71 1.26
N ILE A 36 -16.73 3.84 0.27
CA ILE A 36 -17.75 2.79 0.16
C ILE A 36 -17.06 1.44 0.18
N ILE A 37 -17.57 0.50 0.99
CA ILE A 37 -17.08 -0.89 0.94
C ILE A 37 -18.18 -1.83 0.43
N SER A 38 -17.93 -2.50 -0.70
CA SER A 38 -18.85 -3.52 -1.21
C SER A 38 -18.23 -4.88 -0.97
N ASN A 39 -19.06 -5.92 -0.83
CA ASN A 39 -18.58 -7.29 -0.73
C ASN A 39 -19.51 -8.16 -1.58
N GLY A 40 -19.59 -7.83 -2.87
CA GLY A 40 -20.34 -8.62 -3.83
C GLY A 40 -21.79 -8.24 -4.05
N GLN A 41 -22.24 -7.15 -3.43
CA GLN A 41 -23.60 -6.72 -3.57
C GLN A 41 -23.77 -5.95 -4.87
N ALA A 42 -25.02 -5.91 -5.33
CA ALA A 42 -25.39 -5.22 -6.56
C ALA A 42 -26.67 -4.46 -6.31
N SER A 43 -26.97 -3.49 -7.16
N SER A 43 -26.97 -3.49 -7.16
CA SER A 43 -28.24 -2.77 -7.07
CA SER A 43 -28.24 -2.77 -7.07
C SER A 43 -29.38 -3.78 -7.32
C SER A 43 -29.38 -3.78 -7.32
N PRO A 44 -30.46 -3.73 -6.50
CA PRO A 44 -31.56 -4.69 -6.70
C PRO A 44 -32.26 -4.50 -8.03
N PRO A 45 -32.95 -5.55 -8.53
CA PRO A 45 -33.66 -5.44 -9.81
C PRO A 45 -34.59 -4.21 -9.92
N GLY A 46 -34.44 -3.48 -11.01
CA GLY A 46 -35.25 -2.27 -11.25
C GLY A 46 -34.83 -1.00 -10.53
N PHE A 47 -33.78 -1.07 -9.69
CA PHE A 47 -33.29 0.11 -8.98
C PHE A 47 -32.37 0.96 -9.85
N TRP A 48 -32.60 2.26 -9.81
CA TRP A 48 -31.73 3.25 -10.44
C TRP A 48 -31.51 4.35 -9.43
N TYR A 49 -30.26 4.78 -9.28
CA TYR A 49 -29.93 6.00 -8.55
C TYR A 49 -30.28 7.18 -9.46
N ASP A 50 -30.69 8.29 -8.85
CA ASP A 50 -30.99 9.49 -9.56
C ASP A 50 -30.80 10.63 -8.59
N SER A 51 -29.69 11.37 -8.75
CA SER A 51 -29.31 12.39 -7.78
C SER A 51 -29.31 13.80 -8.33
N PRO A 52 -29.72 14.79 -7.50
CA PRO A 52 -29.60 16.18 -7.92
C PRO A 52 -28.15 16.67 -7.87
N GLN A 53 -27.24 15.82 -7.37
CA GLN A 53 -25.80 16.12 -7.36
C GLN A 53 -25.04 15.33 -8.42
N ASP A 54 -23.93 15.90 -8.86
CA ASP A 54 -22.99 15.13 -9.66
C ASP A 54 -22.29 14.14 -8.73
N GLU A 55 -21.87 13.00 -9.26
CA GLU A 55 -21.02 12.08 -8.51
C GLU A 55 -19.78 11.71 -9.34
N TRP A 56 -18.62 11.69 -8.68
CA TRP A 56 -17.40 11.25 -9.28
C TRP A 56 -17.00 10.08 -8.41
N VAL A 57 -16.82 8.92 -9.00
CA VAL A 57 -16.53 7.72 -8.20
C VAL A 57 -15.46 6.87 -8.89
N MSE A 58 -14.58 6.29 -8.08
CA MSE A 58 -13.48 5.47 -8.53
C MSE A 58 -13.38 4.15 -7.73
O MSE A 58 -13.63 4.14 -6.53
CB MSE A 58 -12.19 6.25 -8.31
CG MSE A 58 -10.94 5.60 -8.91
SE MSE A 58 -9.24 6.68 -8.62
CE MSE A 58 -9.60 6.95 -6.72
N VAL A 59 -13.00 3.09 -8.41
CA VAL A 59 -12.67 1.82 -7.76
C VAL A 59 -11.20 1.94 -7.34
N VAL A 60 -10.91 1.79 -6.05
CA VAL A 60 -9.55 1.81 -5.52
C VAL A 60 -9.00 0.37 -5.40
N SER A 61 -9.90 -0.55 -5.05
CA SER A 61 -9.58 -1.96 -4.97
C SER A 61 -10.83 -2.78 -5.30
N GLY A 62 -10.61 -3.99 -5.83
CA GLY A 62 -11.66 -4.87 -6.27
C GLY A 62 -12.07 -4.60 -7.72
N SER A 63 -13.35 -4.79 -8.02
CA SER A 63 -13.88 -4.57 -9.36
C SER A 63 -15.41 -4.45 -9.32
N ALA A 64 -15.97 -3.82 -10.33
CA ALA A 64 -17.41 -3.65 -10.40
C ALA A 64 -17.88 -3.37 -11.79
N GLY A 65 -19.18 -3.51 -11.98
CA GLY A 65 -19.81 -3.03 -13.20
C GLY A 65 -20.84 -1.99 -12.88
N ILE A 66 -20.77 -0.88 -13.57
CA ILE A 66 -21.78 0.15 -13.45
C ILE A 66 -22.47 0.29 -14.81
N GLU A 67 -23.77 0.48 -14.75
CA GLU A 67 -24.60 0.59 -15.91
C GLU A 67 -25.33 1.92 -15.79
N CYS A 68 -25.06 2.82 -16.74
CA CYS A 68 -25.79 4.08 -16.85
C CYS A 68 -26.97 3.82 -17.76
N GLU A 69 -28.08 4.51 -17.50
CA GLU A 69 -29.30 4.29 -18.29
C GLU A 69 -28.99 4.54 -19.75
N GLY A 70 -29.36 3.59 -20.60
CA GLY A 70 -29.02 3.65 -22.01
C GLY A 70 -27.89 2.71 -22.40
N ASP A 71 -26.99 2.41 -21.46
CA ASP A 71 -25.86 1.52 -21.73
C ASP A 71 -26.34 0.17 -22.20
N THR A 72 -25.61 -0.41 -23.15
CA THR A 72 -25.93 -1.73 -23.70
C THR A 72 -25.29 -2.86 -22.86
N ALA A 73 -24.28 -2.50 -22.06
CA ALA A 73 -23.63 -3.43 -21.13
C ALA A 73 -23.04 -2.64 -19.96
N PRO A 74 -22.81 -3.32 -18.82
CA PRO A 74 -22.15 -2.64 -17.73
C PRO A 74 -20.72 -2.21 -18.07
N ARG A 75 -20.34 -1.06 -17.59
CA ARG A 75 -18.98 -0.55 -17.67
C ARG A 75 -18.15 -1.23 -16.58
N VAL A 76 -17.18 -2.04 -16.99
CA VAL A 76 -16.30 -2.75 -16.09
C VAL A 76 -15.25 -1.79 -15.50
N MSE A 77 -15.21 -1.70 -14.18
CA MSE A 77 -14.28 -0.80 -13.50
C MSE A 77 -13.33 -1.60 -12.62
O MSE A 77 -13.76 -2.44 -11.83
CB MSE A 77 -15.07 0.24 -12.70
CG MSE A 77 -15.94 1.16 -13.62
SE MSE A 77 -16.99 2.36 -12.64
CE MSE A 77 -15.54 3.60 -12.13
N ARG A 78 -12.03 -1.32 -12.79
CA ARG A 78 -10.93 -1.93 -12.04
C ARG A 78 -10.19 -0.86 -11.31
N PRO A 79 -9.20 -1.25 -10.47
CA PRO A 79 -8.50 -0.19 -9.75
C PRO A 79 -7.97 0.95 -10.61
N GLY A 80 -8.28 2.16 -10.19
CA GLY A 80 -7.88 3.36 -10.90
C GLY A 80 -8.95 3.91 -11.80
N ASP A 81 -9.92 3.08 -12.18
CA ASP A 81 -11.04 3.53 -13.01
C ASP A 81 -12.02 4.44 -12.27
N TRP A 82 -12.35 5.55 -12.90
CA TRP A 82 -13.28 6.51 -12.39
C TRP A 82 -14.34 6.85 -13.43
N LEU A 83 -15.43 7.42 -12.92
CA LEU A 83 -16.58 7.71 -13.72
C LEU A 83 -17.24 8.92 -13.09
N HIS A 84 -17.59 9.90 -13.93
CA HIS A 84 -18.34 11.07 -13.52
C HIS A 84 -19.78 10.87 -13.99
N VAL A 85 -20.69 10.88 -13.02
CA VAL A 85 -22.10 10.68 -13.26
C VAL A 85 -22.79 12.03 -13.03
N PRO A 86 -23.17 12.71 -14.12
CA PRO A 86 -23.81 13.98 -13.94
C PRO A 86 -25.14 13.88 -13.20
N ALA A 87 -25.50 14.96 -12.51
CA ALA A 87 -26.80 15.06 -11.81
C ALA A 87 -27.94 14.56 -12.69
N HIS A 88 -28.80 13.72 -12.12
CA HIS A 88 -30.00 13.20 -12.84
C HIS A 88 -29.72 12.18 -13.95
N CYS A 89 -28.46 11.80 -14.12
CA CYS A 89 -28.12 10.66 -14.96
C CYS A 89 -28.37 9.41 -14.11
N ARG A 90 -29.32 8.58 -14.51
CA ARG A 90 -29.67 7.37 -13.79
C ARG A 90 -28.65 6.25 -14.00
N HIS A 91 -28.29 5.54 -12.92
CA HIS A 91 -27.30 4.49 -13.00
C HIS A 91 -27.51 3.49 -11.90
N ARG A 92 -26.83 2.36 -12.04
CA ARG A 92 -26.93 1.31 -11.04
CA ARG A 92 -26.96 1.26 -11.07
C ARG A 92 -25.66 0.48 -11.03
N VAL A 93 -25.50 -0.31 -9.98
CA VAL A 93 -24.35 -1.20 -9.82
C VAL A 93 -24.83 -2.56 -10.29
N ALA A 94 -24.33 -3.02 -11.44
CA ALA A 94 -24.72 -4.31 -11.95
C ALA A 94 -24.08 -5.47 -11.17
N TRP A 95 -22.84 -5.27 -10.70
CA TRP A 95 -22.15 -6.26 -9.92
C TRP A 95 -20.93 -5.65 -9.23
N THR A 96 -20.50 -6.30 -8.14
CA THR A 96 -19.25 -6.00 -7.48
C THR A 96 -18.53 -7.32 -7.33
N ASP A 97 -17.20 -7.25 -7.25
CA ASP A 97 -16.32 -8.42 -7.11
C ASP A 97 -16.85 -9.41 -6.08
N GLY A 98 -16.99 -10.66 -6.50
CA GLY A 98 -17.48 -11.74 -5.65
C GLY A 98 -16.39 -12.44 -4.86
N GLY A 99 -15.13 -12.08 -5.10
CA GLY A 99 -14.00 -12.71 -4.42
C GLY A 99 -13.29 -11.89 -3.36
N GLU A 100 -13.51 -10.58 -3.32
CA GLU A 100 -12.80 -9.70 -2.40
C GLU A 100 -13.60 -8.43 -2.22
N PRO A 101 -13.25 -7.64 -1.21
CA PRO A 101 -13.98 -6.36 -1.09
C PRO A 101 -13.71 -5.39 -2.21
N THR A 102 -14.73 -4.61 -2.56
CA THR A 102 -14.57 -3.52 -3.51
C THR A 102 -14.59 -2.23 -2.68
N VAL A 103 -13.47 -1.50 -2.73
CA VAL A 103 -13.26 -0.26 -2.00
C VAL A 103 -13.39 0.86 -3.01
N TRP A 104 -14.32 1.76 -2.76
CA TRP A 104 -14.57 2.89 -3.62
C TRP A 104 -14.31 4.20 -2.92
N LEU A 105 -13.99 5.21 -3.72
CA LEU A 105 -13.93 6.58 -3.24
C LEU A 105 -14.92 7.37 -4.08
N ALA A 106 -15.88 8.01 -3.43
CA ALA A 106 -16.90 8.77 -4.12
C ALA A 106 -16.93 10.21 -3.67
N VAL A 107 -17.19 11.10 -4.63
CA VAL A 107 -17.32 12.51 -4.38
C VAL A 107 -18.67 12.96 -4.93
N HIS A 108 -19.46 13.62 -4.09
CA HIS A 108 -20.76 14.18 -4.47
C HIS A 108 -20.64 15.69 -4.36
N CYS A 109 -21.04 16.38 -5.42
CA CYS A 109 -20.97 17.83 -5.46
C CYS A 109 -22.08 18.42 -6.36
N ASP A 110 -22.18 19.74 -6.35
CA ASP A 110 -23.21 20.42 -7.10
C ASP A 110 -23.06 20.21 -8.59
N ALA A 111 -24.20 20.23 -9.26
CA ALA A 111 -24.24 20.19 -10.70
C ALA A 111 -23.92 21.59 -11.19
N MSE B 2 -24.12 16.45 -19.33
CA MSE B 2 -25.19 15.50 -19.75
C MSE B 2 -24.68 14.05 -19.84
O MSE B 2 -25.21 13.16 -19.15
CB MSE B 2 -25.78 15.92 -21.11
N ASP B 3 -23.66 13.83 -20.66
CA ASP B 3 -23.08 12.49 -20.83
C ASP B 3 -21.97 12.22 -19.76
N PRO B 4 -21.87 10.96 -19.30
CA PRO B 4 -20.84 10.59 -18.34
C PRO B 4 -19.44 10.50 -18.94
N LYS B 5 -18.43 11.00 -18.22
CA LYS B 5 -17.03 10.84 -18.62
C LYS B 5 -16.34 9.82 -17.71
N HIS B 6 -15.29 9.21 -18.23
CA HIS B 6 -14.58 8.20 -17.49
C HIS B 6 -13.11 8.26 -17.83
N GLY B 7 -12.31 7.61 -16.99
CA GLY B 7 -10.88 7.58 -17.18
C GLY B 7 -10.25 6.57 -16.24
N ASN B 8 -8.94 6.50 -16.32
CA ASN B 8 -8.16 5.69 -15.41
C ASN B 8 -7.04 6.57 -14.91
N LEU B 9 -6.88 6.60 -13.59
CA LEU B 9 -5.88 7.44 -12.92
C LEU B 9 -4.43 7.05 -13.23
N PHE B 10 -4.21 5.80 -13.63
CA PHE B 10 -2.85 5.30 -13.97
C PHE B 10 -2.48 5.31 -15.47
N ALA B 11 -3.40 5.77 -16.31
CA ALA B 11 -3.22 5.84 -17.76
C ALA B 11 -2.54 7.14 -18.14
N ASP B 12 -1.71 7.12 -19.18
CA ASP B 12 -1.05 8.33 -19.69
C ASP B 12 -0.27 9.08 -18.62
N VAL B 13 0.53 8.35 -17.84
CA VAL B 13 1.32 8.89 -16.76
C VAL B 13 2.80 9.01 -17.23
N PRO B 14 3.30 10.25 -17.42
CA PRO B 14 4.70 10.41 -17.82
C PRO B 14 5.69 10.02 -16.74
N VAL B 15 6.57 9.08 -17.04
CA VAL B 15 7.59 8.60 -16.10
C VAL B 15 8.83 9.45 -16.28
N GLY B 16 9.36 10.02 -15.20
CA GLY B 16 10.51 10.90 -15.30
C GLY B 16 10.28 12.35 -15.70
N ALA B 17 9.04 12.86 -15.73
CA ALA B 17 8.85 14.29 -16.05
C ALA B 17 9.61 15.12 -14.99
N PRO B 18 10.39 16.15 -15.39
CA PRO B 18 11.16 16.88 -14.36
C PRO B 18 10.35 17.59 -13.31
N ASP B 19 9.14 18.06 -13.67
CA ASP B 19 8.27 18.73 -12.71
C ASP B 19 6.93 18.02 -12.52
N GLU B 20 6.28 18.29 -11.38
CA GLU B 20 4.96 17.72 -11.09
C GLU B 20 3.95 18.19 -12.10
N ILE B 21 3.02 17.31 -12.43
CA ILE B 21 1.96 17.54 -13.39
C ILE B 21 0.62 17.49 -12.70
N PHE B 22 -0.24 18.45 -13.02
CA PHE B 22 -1.59 18.50 -12.52
C PHE B 22 -2.57 18.45 -13.67
N GLN B 23 -3.62 17.65 -13.50
CA GLN B 23 -4.67 17.48 -14.52
C GLN B 23 -6.02 17.39 -13.85
N PRO B 24 -6.90 18.37 -14.14
CA PRO B 24 -8.22 18.32 -13.52
C PRO B 24 -9.13 17.20 -14.10
N LEU B 25 -9.90 16.57 -13.24
CA LEU B 25 -10.85 15.54 -13.62
C LEU B 25 -12.28 16.05 -13.56
N LEU B 26 -12.60 16.88 -12.57
CA LEU B 26 -13.89 17.52 -12.51
C LEU B 26 -13.76 18.92 -11.96
N GLU B 27 -14.44 19.89 -12.60
CA GLU B 27 -14.48 21.26 -12.15
C GLU B 27 -15.91 21.75 -12.10
N ARG B 28 -16.34 22.19 -10.89
CA ARG B 28 -17.67 22.75 -10.59
C ARG B 28 -17.43 23.95 -9.68
N LYS B 29 -18.41 24.84 -9.56
CA LYS B 29 -18.29 26.02 -8.68
C LYS B 29 -17.90 25.58 -7.26
N GLY B 30 -16.79 26.12 -6.75
CA GLY B 30 -16.27 25.75 -5.43
C GLY B 30 -15.67 24.34 -5.32
N LEU B 31 -15.35 23.72 -6.46
CA LEU B 31 -14.89 22.35 -6.44
C LEU B 31 -13.93 21.97 -7.55
N LYS B 32 -12.83 21.31 -7.18
CA LYS B 32 -11.96 20.75 -8.16
C LYS B 32 -11.45 19.37 -7.72
N ILE B 33 -11.54 18.40 -8.62
CA ILE B 33 -10.96 17.09 -8.45
C ILE B 33 -9.87 16.99 -9.49
N GLU B 34 -8.68 16.58 -9.07
CA GLU B 34 -7.55 16.50 -9.96
C GLU B 34 -6.62 15.36 -9.62
N ARG B 35 -5.90 14.93 -10.65
CA ARG B 35 -4.81 13.97 -10.56
C ARG B 35 -3.47 14.77 -10.51
N ILE B 36 -2.54 14.34 -9.66
CA ILE B 36 -1.21 14.92 -9.56
C ILE B 36 -0.24 13.79 -9.85
N ILE B 37 0.75 14.07 -10.70
CA ILE B 37 1.77 13.09 -11.05
CA ILE B 37 1.76 13.08 -11.04
C ILE B 37 3.12 13.62 -10.60
N SER B 38 3.72 12.93 -9.62
CA SER B 38 5.04 13.23 -9.12
C SER B 38 5.98 12.20 -9.66
N ASN B 39 7.22 12.63 -9.80
CA ASN B 39 8.32 11.75 -10.19
C ASN B 39 9.53 12.12 -9.35
N GLY B 40 9.37 12.01 -8.02
CA GLY B 40 10.48 12.23 -7.11
C GLY B 40 10.70 13.64 -6.61
N GLN B 41 9.84 14.57 -6.99
CA GLN B 41 9.98 15.96 -6.52
C GLN B 41 9.47 16.11 -5.09
N ALA B 42 9.97 17.15 -4.42
CA ALA B 42 9.52 17.54 -3.11
C ALA B 42 9.28 19.06 -3.12
N SER B 43 8.50 19.58 -2.18
CA SER B 43 8.33 21.02 -2.04
C SER B 43 9.71 21.70 -1.87
N PRO B 44 9.96 22.81 -2.58
CA PRO B 44 11.27 23.46 -2.40
C PRO B 44 11.50 23.96 -0.99
N PRO B 45 12.76 24.12 -0.60
CA PRO B 45 13.03 24.67 0.73
C PRO B 45 12.35 26.00 0.98
N GLY B 46 11.80 26.13 2.17
CA GLY B 46 11.05 27.31 2.56
C GLY B 46 9.58 27.33 2.14
N PHE B 47 9.19 26.47 1.18
CA PHE B 47 7.84 26.51 0.61
C PHE B 47 6.81 25.77 1.44
N TRP B 48 5.69 26.45 1.68
CA TRP B 48 4.55 25.88 2.33
C TRP B 48 3.31 26.23 1.50
N TYR B 49 2.40 25.25 1.33
CA TYR B 49 1.13 25.55 0.73
C TYR B 49 0.29 26.20 1.82
N ASP B 50 -0.62 27.09 1.41
CA ASP B 50 -1.57 27.75 2.30
C ASP B 50 -2.76 28.19 1.43
N SER B 51 -3.91 27.55 1.59
CA SER B 51 -5.05 27.80 0.67
C SER B 51 -6.30 28.23 1.43
N PRO B 52 -7.13 29.10 0.82
CA PRO B 52 -8.42 29.45 1.42
C PRO B 52 -9.48 28.34 1.26
N GLN B 53 -9.19 27.32 0.47
CA GLN B 53 -10.03 26.12 0.34
C GLN B 53 -9.47 24.95 1.17
N ASP B 54 -10.35 24.02 1.54
CA ASP B 54 -9.91 22.75 2.14
C ASP B 54 -9.33 21.92 1.01
N GLU B 55 -8.43 21.01 1.34
CA GLU B 55 -7.90 20.02 0.41
C GLU B 55 -7.98 18.65 1.06
N TRP B 56 -8.36 17.64 0.27
CA TRP B 56 -8.39 16.24 0.66
C TRP B 56 -7.50 15.59 -0.39
N VAL B 57 -6.47 14.87 0.03
CA VAL B 57 -5.48 14.36 -0.93
C VAL B 57 -5.05 12.96 -0.53
N MSE B 58 -4.95 12.09 -1.53
CA MSE B 58 -4.59 10.70 -1.31
C MSE B 58 -3.53 10.22 -2.30
O MSE B 58 -3.59 10.53 -3.48
CB MSE B 58 -5.84 9.83 -1.47
CG MSE B 58 -5.64 8.35 -1.07
SE MSE B 58 -7.29 7.29 -1.27
CE MSE B 58 -7.67 7.76 -2.96
N VAL B 59 -2.63 9.38 -1.80
CA VAL B 59 -1.64 8.68 -2.66
C VAL B 59 -2.35 7.46 -3.19
N VAL B 60 -2.36 7.31 -4.51
CA VAL B 60 -3.02 6.18 -5.17
C VAL B 60 -1.99 5.18 -5.70
N SER B 61 -0.82 5.68 -6.10
CA SER B 61 0.30 4.85 -6.49
C SER B 61 1.57 5.55 -6.09
N GLY B 62 2.66 4.79 -5.99
CA GLY B 62 3.92 5.37 -5.48
C GLY B 62 3.90 5.58 -3.98
N SER B 63 4.56 6.62 -3.51
CA SER B 63 4.69 6.87 -2.07
C SER B 63 5.17 8.30 -1.84
N ALA B 64 4.98 8.78 -0.62
CA ALA B 64 5.33 10.14 -0.27
C ALA B 64 5.44 10.37 1.23
N GLY B 65 5.87 11.57 1.55
CA GLY B 65 5.81 12.11 2.90
C GLY B 65 5.28 13.53 2.77
N ILE B 66 4.40 13.89 3.69
CA ILE B 66 3.84 15.22 3.80
C ILE B 66 3.96 15.70 5.22
N GLU B 67 4.36 16.96 5.38
CA GLU B 67 4.41 17.61 6.67
C GLU B 67 3.36 18.73 6.81
N CYS B 68 2.56 18.66 7.86
CA CYS B 68 1.64 19.72 8.20
C CYS B 68 2.30 20.55 9.27
N GLU B 69 2.19 21.86 9.17
CA GLU B 69 2.82 22.76 10.15
C GLU B 69 2.30 22.48 11.54
N GLY B 70 3.19 22.53 12.52
CA GLY B 70 2.84 22.14 13.89
C GLY B 70 3.02 20.66 14.23
N ASP B 71 3.21 19.83 13.19
CA ASP B 71 3.52 18.41 13.41
C ASP B 71 4.99 18.29 13.74
N THR B 72 5.32 17.25 14.49
CA THR B 72 6.71 17.01 14.85
C THR B 72 7.58 16.55 13.67
N ALA B 73 6.98 15.87 12.70
CA ALA B 73 7.72 15.32 11.56
C ALA B 73 6.80 15.11 10.39
N PRO B 74 7.37 14.89 9.19
CA PRO B 74 6.52 14.45 8.09
C PRO B 74 5.87 13.08 8.36
N ARG B 75 4.75 12.85 7.70
CA ARG B 75 3.97 11.60 7.81
C ARG B 75 4.21 10.76 6.53
N VAL B 76 4.49 9.49 6.72
CA VAL B 76 4.55 8.52 5.62
C VAL B 76 3.16 8.33 4.99
N MSE B 77 3.13 8.29 3.67
CA MSE B 77 1.91 8.05 2.91
C MSE B 77 2.21 7.04 1.81
O MSE B 77 3.04 7.27 0.93
CB MSE B 77 1.40 9.41 2.34
CG MSE B 77 0.85 10.38 3.45
SE MSE B 77 0.28 11.97 2.55
CE MSE B 77 -1.63 11.44 2.09
N ARG B 78 1.58 5.89 1.93
CA ARG B 78 1.59 4.82 0.95
C ARG B 78 0.24 4.83 0.23
N PRO B 79 0.09 4.04 -0.85
CA PRO B 79 -1.19 3.98 -1.57
C PRO B 79 -2.35 3.71 -0.61
N GLY B 80 -3.40 4.52 -0.71
CA GLY B 80 -4.53 4.45 0.21
C GLY B 80 -4.52 5.47 1.35
N ASP B 81 -3.36 5.96 1.72
CA ASP B 81 -3.27 7.02 2.74
C ASP B 81 -3.74 8.35 2.19
N TRP B 82 -4.60 9.00 2.97
CA TRP B 82 -5.18 10.28 2.63
C TRP B 82 -5.04 11.26 3.79
N LEU B 83 -5.16 12.54 3.45
CA LEU B 83 -5.01 13.62 4.40
C LEU B 83 -5.99 14.74 4.10
N HIS B 84 -6.67 15.21 5.12
CA HIS B 84 -7.52 16.37 4.97
C HIS B 84 -6.74 17.58 5.54
N VAL B 85 -6.51 18.57 4.71
CA VAL B 85 -5.82 19.80 5.07
C VAL B 85 -6.85 20.95 5.07
N PRO B 86 -7.32 21.38 6.26
CA PRO B 86 -8.27 22.48 6.35
C PRO B 86 -7.71 23.78 5.79
N ALA B 87 -8.59 24.70 5.37
CA ALA B 87 -8.14 25.97 4.81
C ALA B 87 -7.25 26.68 5.80
N HIS B 88 -6.17 27.23 5.29
CA HIS B 88 -5.16 27.96 6.03
C HIS B 88 -4.19 27.13 6.87
N CYS B 89 -4.38 25.81 6.94
CA CYS B 89 -3.40 24.92 7.59
CA CYS B 89 -3.40 24.97 7.61
C CYS B 89 -2.35 24.72 6.54
N ARG B 90 -1.09 24.96 6.91
CA ARG B 90 0.00 24.93 5.96
C ARG B 90 0.63 23.56 5.90
N HIS B 91 1.06 23.16 4.70
CA HIS B 91 1.65 21.87 4.52
C HIS B 91 2.66 21.88 3.35
N ARG B 92 3.50 20.86 3.33
CA ARG B 92 4.49 20.72 2.29
C ARG B 92 4.71 19.25 2.00
N VAL B 93 5.24 18.97 0.81
CA VAL B 93 5.61 17.64 0.41
C VAL B 93 7.08 17.47 0.79
N ALA B 94 7.34 16.59 1.76
CA ALA B 94 8.69 16.33 2.23
C ALA B 94 9.48 15.46 1.19
N TRP B 95 8.79 14.51 0.55
CA TRP B 95 9.42 13.70 -0.51
C TRP B 95 8.35 12.95 -1.29
N THR B 96 8.73 12.47 -2.48
CA THR B 96 7.92 11.53 -3.26
C THR B 96 8.83 10.38 -3.68
N ASP B 97 8.21 9.24 -4.02
CA ASP B 97 8.91 8.04 -4.42
C ASP B 97 9.98 8.33 -5.47
N GLY B 98 11.20 7.85 -5.18
CA GLY B 98 12.35 8.01 -6.09
C GLY B 98 12.51 6.95 -7.19
N GLY B 99 11.66 5.94 -7.17
CA GLY B 99 11.77 4.83 -8.09
C GLY B 99 10.66 4.69 -9.08
N GLU B 100 9.53 5.35 -8.83
CA GLU B 100 8.40 5.29 -9.76
C GLU B 100 7.53 6.51 -9.60
N PRO B 101 6.66 6.72 -10.60
CA PRO B 101 5.69 7.81 -10.38
C PRO B 101 4.82 7.66 -9.14
N THR B 102 4.50 8.80 -8.54
CA THR B 102 3.57 8.88 -7.46
C THR B 102 2.35 9.60 -8.04
N VAL B 103 1.23 8.90 -8.11
CA VAL B 103 -0.02 9.47 -8.59
C VAL B 103 -0.93 9.74 -7.41
N TRP B 104 -1.45 10.96 -7.34
CA TRP B 104 -2.33 11.41 -6.25
C TRP B 104 -3.69 11.78 -6.80
N LEU B 105 -4.68 11.76 -5.91
CA LEU B 105 -6.01 12.27 -6.19
C LEU B 105 -6.24 13.35 -5.18
N ALA B 106 -6.59 14.55 -5.66
CA ALA B 106 -6.74 15.70 -4.80
C ALA B 106 -8.07 16.40 -5.03
N VAL B 107 -8.70 16.81 -3.93
CA VAL B 107 -10.00 17.50 -3.98
C VAL B 107 -9.85 18.81 -3.24
N HIS B 108 -10.24 19.88 -3.91
CA HIS B 108 -10.23 21.22 -3.39
C HIS B 108 -11.66 21.69 -3.27
N CYS B 109 -12.03 22.17 -2.11
CA CYS B 109 -13.39 22.62 -1.88
C CYS B 109 -13.48 23.71 -0.81
N ASP B 110 -14.67 24.30 -0.66
CA ASP B 110 -14.89 25.40 0.29
C ASP B 110 -14.58 24.99 1.71
N ALA B 111 -14.12 25.93 2.53
CA ALA B 111 -13.89 25.66 3.95
C ALA B 111 -15.27 25.53 4.62
N ALA B 112 -16.27 26.11 3.95
CA ALA B 112 -17.70 26.03 4.26
C ALA B 112 -18.26 24.64 4.06
N PRO C 4 28.25 -13.54 -1.87
CA PRO C 4 27.10 -13.64 -0.98
C PRO C 4 25.86 -13.51 -1.82
N LYS C 5 24.83 -14.31 -1.50
CA LYS C 5 23.61 -14.30 -2.27
C LYS C 5 22.96 -12.90 -2.16
N HIS C 6 22.46 -12.41 -3.29
CA HIS C 6 21.66 -11.19 -3.26
C HIS C 6 20.66 -11.30 -4.38
N GLY C 7 19.69 -10.43 -4.35
CA GLY C 7 18.71 -10.38 -5.43
C GLY C 7 17.72 -9.24 -5.20
N ASN C 8 16.67 -9.25 -6.00
CA ASN C 8 15.61 -8.28 -5.88
C ASN C 8 14.31 -9.08 -5.96
N LEU C 9 13.45 -8.92 -4.95
CA LEU C 9 12.17 -9.67 -4.91
C LEU C 9 11.23 -9.45 -6.09
N PHE C 10 11.39 -8.34 -6.79
CA PHE C 10 10.55 -7.98 -7.92
C PHE C 10 11.13 -8.31 -9.29
N ALA C 11 12.34 -8.89 -9.32
CA ALA C 11 13.00 -9.32 -10.54
C ALA C 11 12.56 -10.71 -10.96
N ASP C 12 12.37 -10.91 -12.26
CA ASP C 12 12.01 -12.22 -12.84
C ASP C 12 10.71 -12.79 -12.23
N VAL C 13 9.69 -11.96 -12.26
CA VAL C 13 8.39 -12.32 -11.73
C VAL C 13 7.48 -12.64 -12.94
N PRO C 14 7.14 -13.92 -13.15
CA PRO C 14 6.23 -14.19 -14.28
C PRO C 14 4.85 -13.56 -14.10
N VAL C 15 4.39 -12.87 -15.12
CA VAL C 15 3.08 -12.29 -15.12
C VAL C 15 2.10 -13.33 -15.72
N GLY C 16 0.99 -13.53 -15.06
CA GLY C 16 0.01 -14.50 -15.51
C GLY C 16 0.32 -15.98 -15.40
N ALA C 17 1.27 -16.38 -14.56
CA ALA C 17 1.55 -17.83 -14.41
C ALA C 17 0.31 -18.55 -13.87
N PRO C 18 0.03 -19.80 -14.32
CA PRO C 18 -1.18 -20.50 -13.90
C PRO C 18 -1.20 -20.89 -12.46
N ASP C 19 -0.05 -21.28 -11.90
CA ASP C 19 0.04 -21.70 -10.49
C ASP C 19 0.89 -20.72 -9.71
N GLU C 20 0.73 -20.76 -8.39
CA GLU C 20 1.58 -19.99 -7.51
C GLU C 20 3.00 -20.55 -7.62
N ILE C 21 3.98 -19.64 -7.54
CA ILE C 21 5.38 -20.02 -7.64
C ILE C 21 6.04 -19.82 -6.28
N PHE C 22 6.68 -20.86 -5.77
CA PHE C 22 7.39 -20.81 -4.50
C PHE C 22 8.89 -20.97 -4.80
N GLN C 23 9.70 -19.99 -4.39
CA GLN C 23 11.13 -20.01 -4.61
C GLN C 23 11.89 -19.76 -3.29
N PRO C 24 12.50 -20.82 -2.73
CA PRO C 24 13.32 -20.64 -1.53
C PRO C 24 14.47 -19.69 -1.78
N LEU C 25 14.71 -18.77 -0.84
CA LEU C 25 15.84 -17.85 -0.87
C LEU C 25 16.96 -18.31 0.08
N LEU C 26 16.59 -18.84 1.26
CA LEU C 26 17.55 -19.38 2.21
C LEU C 26 16.90 -20.50 2.98
N GLU C 27 17.66 -21.56 3.23
CA GLU C 27 17.15 -22.68 4.02
C GLU C 27 18.21 -23.23 4.95
N ARG C 28 17.83 -23.47 6.19
CA ARG C 28 18.70 -24.01 7.20
C ARG C 28 17.82 -25.02 7.86
N LYS C 29 18.35 -25.88 8.72
CA LYS C 29 17.50 -26.87 9.40
C LYS C 29 16.40 -26.16 10.26
N GLY C 30 15.15 -26.49 9.97
CA GLY C 30 14.01 -25.86 10.64
C GLY C 30 13.73 -24.41 10.23
N LEU C 31 14.25 -23.98 9.08
CA LEU C 31 14.09 -22.59 8.63
C LEU C 31 14.05 -22.46 7.13
N LYS C 32 13.05 -21.77 6.61
CA LYS C 32 13.00 -21.47 5.19
C LYS C 32 12.54 -20.05 4.98
N ILE C 33 13.34 -19.28 4.23
CA ILE C 33 12.92 -17.96 3.73
C ILE C 33 12.61 -18.19 2.27
N GLU C 34 11.41 -17.78 1.82
CA GLU C 34 11.06 -17.94 0.41
C GLU C 34 10.27 -16.78 -0.13
N ARG C 35 10.37 -16.64 -1.44
CA ARG C 35 9.57 -15.74 -2.21
C ARG C 35 8.39 -16.56 -2.79
N ILE C 36 7.19 -16.00 -2.72
CA ILE C 36 6.01 -16.60 -3.36
C ILE C 36 5.45 -15.61 -4.39
N ILE C 37 5.06 -16.12 -5.55
CA ILE C 37 4.46 -15.27 -6.61
C ILE C 37 3.07 -15.79 -6.96
N SER C 38 2.07 -14.94 -6.73
CA SER C 38 0.69 -15.25 -7.04
C SER C 38 0.33 -14.42 -8.23
N ASN C 39 -0.60 -14.95 -9.03
CA ASN C 39 -1.22 -14.27 -10.14
C ASN C 39 -2.73 -14.53 -10.08
N GLY C 40 -3.35 -14.14 -8.97
CA GLY C 40 -4.80 -14.19 -8.88
C GLY C 40 -5.41 -15.42 -8.27
N GLN C 41 -4.56 -16.37 -7.88
CA GLN C 41 -5.01 -17.61 -7.27
C GLN C 41 -5.47 -17.40 -5.83
N ALA C 42 -6.44 -18.21 -5.41
CA ALA C 42 -6.92 -18.23 -4.06
C ALA C 42 -6.89 -19.70 -3.63
N SER C 43 -6.91 -19.97 -2.33
CA SER C 43 -6.94 -21.36 -1.88
C SER C 43 -8.25 -22.00 -2.38
N PRO C 44 -8.19 -23.23 -2.90
CA PRO C 44 -9.45 -23.82 -3.39
C PRO C 44 -10.54 -24.04 -2.33
N PRO C 45 -11.83 -24.15 -2.77
CA PRO C 45 -12.92 -24.44 -1.83
C PRO C 45 -12.61 -25.62 -0.90
N GLY C 46 -12.80 -25.42 0.39
CA GLY C 46 -12.50 -26.42 1.37
C GLY C 46 -11.07 -26.56 1.83
N PHE C 47 -10.12 -25.96 1.12
CA PHE C 47 -8.72 -26.11 1.45
C PHE C 47 -8.24 -25.17 2.56
N TRP C 48 -7.59 -25.75 3.59
CA TRP C 48 -6.91 -25.01 4.64
C TRP C 48 -5.47 -25.53 4.83
N TYR C 49 -4.52 -24.60 4.98
CA TYR C 49 -3.17 -24.93 5.41
C TYR C 49 -3.22 -25.28 6.89
N ASP C 50 -2.29 -26.11 7.30
CA ASP C 50 -2.13 -26.45 8.71
C ASP C 50 -0.72 -27.02 8.83
N SER C 51 0.21 -26.22 9.35
CA SER C 51 1.63 -26.54 9.34
C SER C 51 2.16 -26.75 10.75
N PRO C 52 3.13 -27.67 10.93
CA PRO C 52 3.76 -27.83 12.22
C PRO C 52 4.76 -26.70 12.54
N GLN C 53 5.08 -25.87 11.55
CA GLN C 53 5.96 -24.72 11.71
C GLN C 53 5.19 -23.44 11.86
N ASP C 54 5.81 -22.47 12.52
CA ASP C 54 5.29 -21.11 12.55
C ASP C 54 5.58 -20.50 11.19
N GLU C 55 4.73 -19.57 10.76
CA GLU C 55 4.97 -18.84 9.51
C GLU C 55 4.75 -17.37 9.76
N TRP C 56 5.63 -16.56 9.14
CA TRP C 56 5.53 -15.11 9.09
C TRP C 56 5.51 -14.78 7.60
N VAL C 57 4.52 -14.05 7.18
CA VAL C 57 4.36 -13.78 5.76
C VAL C 57 3.98 -12.32 5.55
N MSE C 58 4.53 -11.73 4.49
CA MSE C 58 4.25 -10.36 4.15
C MSE C 58 4.02 -10.18 2.67
O MSE C 58 4.75 -10.71 1.86
CB MSE C 58 5.43 -9.46 4.54
CG MSE C 58 5.17 -7.96 4.35
SE MSE C 58 6.68 -6.87 5.07
CE MSE C 58 8.02 -7.56 4.01
N VAL C 59 3.04 -9.34 2.35
CA VAL C 59 2.78 -8.96 0.98
C VAL C 59 3.79 -7.84 0.68
N VAL C 60 4.62 -8.03 -0.35
CA VAL C 60 5.57 -6.99 -0.80
C VAL C 60 5.05 -6.21 -2.03
N SER C 61 4.25 -6.84 -2.90
CA SER C 61 3.62 -6.15 -4.01
C SER C 61 2.30 -6.88 -4.29
N GLY C 62 1.41 -6.21 -5.00
CA GLY C 62 0.09 -6.78 -5.26
C GLY C 62 -0.75 -6.63 -4.00
N SER C 63 -1.62 -7.59 -3.73
CA SER C 63 -2.55 -7.48 -2.62
C SER C 63 -3.16 -8.86 -2.44
N ALA C 64 -3.75 -9.09 -1.28
CA ALA C 64 -4.32 -10.36 -0.90
C ALA C 64 -5.25 -10.23 0.30
N GLY C 65 -5.89 -11.37 0.59
CA GLY C 65 -6.67 -11.56 1.75
C GLY C 65 -6.37 -12.94 2.32
N ILE C 66 -6.15 -13.00 3.64
CA ILE C 66 -5.87 -14.25 4.33
C ILE C 66 -6.88 -14.42 5.48
N GLU C 67 -7.40 -15.63 5.63
CA GLU C 67 -8.34 -15.94 6.68
C GLU C 67 -7.71 -17.00 7.59
N CYS C 68 -7.71 -16.74 8.88
CA CYS C 68 -7.26 -17.67 9.89
C CYS C 68 -8.48 -18.25 10.53
N GLU C 69 -8.39 -19.50 10.93
CA GLU C 69 -9.55 -20.13 11.53
C GLU C 69 -9.88 -19.40 12.83
N GLY C 70 -11.16 -19.24 13.10
CA GLY C 70 -11.55 -18.45 14.25
C GLY C 70 -11.83 -16.97 13.95
N ASP C 71 -11.17 -16.39 12.93
CA ASP C 71 -11.50 -15.02 12.45
C ASP C 71 -12.94 -15.03 11.96
N THR C 72 -13.63 -13.91 12.12
CA THR C 72 -14.96 -13.72 11.54
C THR C 72 -14.90 -13.57 10.00
N ALA C 73 -13.77 -13.06 9.48
CA ALA C 73 -13.62 -12.85 8.05
C ALA C 73 -12.15 -12.81 7.68
N PRO C 74 -11.83 -12.94 6.38
CA PRO C 74 -10.43 -12.74 5.95
C PRO C 74 -9.94 -11.31 6.22
N ARG C 75 -8.64 -11.12 6.31
CA ARG C 75 -8.05 -9.77 6.51
C ARG C 75 -7.46 -9.27 5.22
N VAL C 76 -7.67 -7.99 4.92
CA VAL C 76 -7.09 -7.34 3.77
C VAL C 76 -5.58 -7.22 4.01
N MSE C 77 -4.79 -7.58 3.00
CA MSE C 77 -3.36 -7.40 3.07
C MSE C 77 -2.85 -6.64 1.83
O MSE C 77 -2.98 -7.10 0.71
CB MSE C 77 -2.66 -8.77 3.27
CG MSE C 77 -2.89 -9.37 4.74
SE MSE C 77 -2.13 -11.12 4.61
CE MSE C 77 -0.23 -10.60 5.22
N ARG C 78 -2.32 -5.45 2.07
CA ARG C 78 -1.67 -4.61 1.07
C ARG C 78 -0.13 -4.71 1.24
N PRO C 79 0.66 -4.14 0.31
CA PRO C 79 2.13 -4.15 0.51
C PRO C 79 2.58 -3.59 1.92
N GLY C 80 3.42 -4.35 2.61
CA GLY C 80 3.82 -4.01 3.97
C GLY C 80 3.06 -4.73 5.06
N ASP C 81 1.84 -5.21 4.75
CA ASP C 81 1.06 -5.96 5.70
C ASP C 81 1.64 -7.34 5.88
N TRP C 82 1.83 -7.72 7.14
CA TRP C 82 2.41 -9.04 7.48
C TRP C 82 1.54 -9.77 8.47
N LEU C 83 1.73 -11.08 8.53
CA LEU C 83 0.93 -11.94 9.39
C LEU C 83 1.78 -13.03 10.00
N HIS C 84 1.73 -13.19 11.32
CA HIS C 84 2.35 -14.35 11.97
C HIS C 84 1.25 -15.41 12.20
N VAL C 85 1.43 -16.59 11.61
CA VAL C 85 0.51 -17.72 11.74
C VAL C 85 1.23 -18.75 12.61
N PRO C 86 0.81 -18.93 13.87
CA PRO C 86 1.39 -19.94 14.72
C PRO C 86 1.19 -21.36 14.19
N ALA C 87 2.13 -22.24 14.50
CA ALA C 87 2.04 -23.65 14.16
C ALA C 87 0.63 -24.20 14.47
N HIS C 88 0.09 -24.94 13.49
CA HIS C 88 -1.22 -25.56 13.55
C HIS C 88 -2.41 -24.61 13.59
N CYS C 89 -2.17 -23.31 13.46
CA CYS C 89 -3.27 -22.38 13.21
C CYS C 89 -3.63 -22.55 11.72
N ARG C 90 -4.88 -22.96 11.46
CA ARG C 90 -5.29 -23.25 10.13
C ARG C 90 -5.62 -21.93 9.43
N HIS C 91 -5.27 -21.84 8.17
CA HIS C 91 -5.46 -20.60 7.42
C HIS C 91 -5.58 -20.90 5.95
N ARG C 92 -6.10 -19.92 5.20
CA ARG C 92 -6.33 -20.01 3.77
CA ARG C 92 -6.22 -20.02 3.76
C ARG C 92 -6.12 -18.63 3.12
N VAL C 93 -5.78 -18.64 1.83
CA VAL C 93 -5.65 -17.44 1.03
C VAL C 93 -7.03 -17.24 0.39
N ALA C 94 -7.77 -16.23 0.85
CA ALA C 94 -9.12 -15.92 0.35
C ALA C 94 -9.10 -15.37 -1.05
N TRP C 95 -8.09 -14.54 -1.33
CA TRP C 95 -7.87 -13.98 -2.66
C TRP C 95 -6.45 -13.41 -2.83
N THR C 96 -6.04 -13.28 -4.10
CA THR C 96 -4.86 -12.50 -4.48
C THR C 96 -5.26 -11.51 -5.57
N ASP C 97 -4.45 -10.46 -5.74
CA ASP C 97 -4.72 -9.42 -6.73
C ASP C 97 -5.01 -10.01 -8.11
N GLY C 98 -6.13 -9.60 -8.70
CA GLY C 98 -6.52 -10.02 -10.05
C GLY C 98 -5.89 -9.22 -11.17
N GLY C 99 -5.22 -8.13 -10.86
CA GLY C 99 -4.64 -7.29 -11.88
C GLY C 99 -3.14 -7.35 -12.06
N GLU C 100 -2.42 -7.83 -11.05
CA GLU C 100 -0.97 -7.91 -11.17
C GLU C 100 -0.43 -9.02 -10.31
N PRO C 101 0.84 -9.38 -10.52
CA PRO C 101 1.39 -10.33 -9.61
C PRO C 101 1.40 -9.88 -8.16
N THR C 102 1.14 -10.82 -7.27
CA THR C 102 1.29 -10.58 -5.84
C THR C 102 2.55 -11.34 -5.38
N VAL C 103 3.58 -10.57 -4.96
CA VAL C 103 4.85 -11.14 -4.47
C VAL C 103 4.83 -11.12 -2.95
N TRP C 104 5.09 -12.27 -2.32
CA TRP C 104 5.15 -12.39 -0.86
C TRP C 104 6.57 -12.76 -0.44
N LEU C 105 6.87 -12.45 0.81
CA LEU C 105 8.07 -12.93 1.49
C LEU C 105 7.54 -13.77 2.64
N ALA C 106 7.94 -15.03 2.70
CA ALA C 106 7.50 -15.95 3.74
C ALA C 106 8.70 -16.54 4.49
N VAL C 107 8.56 -16.66 5.80
CA VAL C 107 9.57 -17.28 6.65
C VAL C 107 8.87 -18.39 7.43
N HIS C 108 9.42 -19.60 7.38
CA HIS C 108 8.90 -20.75 8.11
C HIS C 108 9.94 -21.18 9.14
N CYS C 109 9.49 -21.39 10.38
CA CYS C 109 10.36 -21.79 11.46
C CYS C 109 9.64 -22.61 12.53
N ASP C 110 10.37 -23.02 13.56
CA ASP C 110 9.83 -23.83 14.63
C ASP C 110 8.92 -23.07 15.59
N ALA C 111 7.95 -23.81 16.14
CA ALA C 111 6.92 -23.22 16.96
C ALA C 111 7.39 -22.74 18.34
N MSE D 2 1.26 -17.84 19.81
CA MSE D 2 -0.02 -18.03 20.48
C MSE D 2 -1.23 -18.05 19.54
O MSE D 2 -1.42 -18.98 18.82
CB MSE D 2 0.02 -19.26 21.39
CG MSE D 2 -0.77 -19.11 22.70
N ASP D 3 -2.05 -17.01 19.59
CA ASP D 3 -2.93 -16.65 18.49
C ASP D 3 -2.18 -15.89 17.39
N PRO D 4 -2.76 -15.73 16.22
CA PRO D 4 -2.10 -15.01 15.14
C PRO D 4 -2.02 -13.51 15.31
N LYS D 5 -0.95 -12.92 14.84
CA LYS D 5 -0.67 -11.53 15.06
C LYS D 5 -0.35 -10.86 13.69
N HIS D 6 -0.83 -9.64 13.45
CA HIS D 6 -0.63 -8.92 12.20
C HIS D 6 -0.05 -7.54 12.45
N GLY D 7 0.52 -6.97 11.40
CA GLY D 7 1.02 -5.61 11.44
C GLY D 7 1.29 -5.11 10.04
N ASN D 8 1.85 -3.91 9.98
CA ASN D 8 2.14 -3.21 8.74
C ASN D 8 3.49 -2.53 8.94
N LEU D 9 4.45 -2.84 8.06
CA LEU D 9 5.78 -2.25 8.15
C LEU D 9 5.82 -0.75 7.94
N PHE D 10 4.78 -0.18 7.33
CA PHE D 10 4.70 1.26 7.12
C PHE D 10 3.90 1.97 8.20
N ALA D 11 3.35 1.24 9.17
CA ALA D 11 2.65 1.89 10.28
C ALA D 11 3.64 2.38 11.34
N ASP D 12 3.36 3.52 11.94
CA ASP D 12 4.15 4.08 13.03
C ASP D 12 5.65 4.18 12.72
N VAL D 13 5.97 4.74 11.56
CA VAL D 13 7.35 4.98 11.19
C VAL D 13 7.80 6.31 11.79
N PRO D 14 8.77 6.30 12.73
CA PRO D 14 9.26 7.59 13.23
C PRO D 14 10.17 8.35 12.26
N VAL D 15 9.59 9.25 11.47
CA VAL D 15 10.35 10.01 10.49
C VAL D 15 11.21 11.02 11.25
N GLY D 16 12.45 11.14 10.82
CA GLY D 16 13.39 12.07 11.43
C GLY D 16 14.02 11.64 12.72
N ALA D 17 13.79 10.42 13.19
CA ALA D 17 14.36 9.97 14.45
C ALA D 17 15.90 10.02 14.39
N PRO D 18 16.56 10.55 15.43
CA PRO D 18 18.01 10.67 15.44
C PRO D 18 18.80 9.38 15.25
N ASP D 19 18.36 8.28 15.86
CA ASP D 19 19.06 7.00 15.73
C ASP D 19 18.16 5.94 15.14
N GLU D 20 18.76 4.88 14.60
CA GLU D 20 18.01 3.77 14.03
C GLU D 20 17.14 3.09 15.06
N ILE D 21 15.96 2.63 14.61
CA ILE D 21 14.97 2.00 15.49
C ILE D 21 14.86 0.53 15.07
N PHE D 22 14.91 -0.37 16.05
CA PHE D 22 14.72 -1.79 15.80
C PHE D 22 13.45 -2.26 16.54
N GLN D 23 12.59 -3.02 15.85
CA GLN D 23 11.40 -3.59 16.44
C GLN D 23 11.16 -5.03 15.96
N PRO D 24 11.19 -5.99 16.90
CA PRO D 24 11.01 -7.41 16.53
C PRO D 24 9.58 -7.72 16.12
N LEU D 25 9.41 -8.48 15.06
CA LEU D 25 8.09 -8.87 14.59
C LEU D 25 7.82 -10.34 14.97
N LEU D 26 8.85 -11.19 14.91
CA LEU D 26 8.74 -12.57 15.40
C LEU D 26 10.02 -13.03 16.07
N GLU D 27 9.90 -13.63 17.26
CA GLU D 27 11.07 -14.17 17.96
C GLU D 27 10.76 -15.59 18.38
N ARG D 28 11.54 -16.53 17.86
CA ARG D 28 11.39 -17.96 18.18
C ARG D 28 12.80 -18.47 18.37
N LYS D 29 12.96 -19.67 18.92
CA LYS D 29 14.30 -20.17 19.22
C LYS D 29 15.12 -20.25 17.91
N GLY D 30 16.27 -19.58 17.90
CA GLY D 30 17.12 -19.48 16.71
C GLY D 30 16.60 -18.61 15.58
N LEU D 31 15.65 -17.71 15.86
CA LEU D 31 15.03 -16.91 14.83
C LEU D 31 14.54 -15.56 15.34
N LYS D 32 14.98 -14.49 14.69
CA LYS D 32 14.39 -13.17 14.91
C LYS D 32 14.08 -12.50 13.56
N ILE D 33 12.87 -11.99 13.45
CA ILE D 33 12.44 -11.17 12.29
C ILE D 33 12.16 -9.78 12.87
N GLU D 34 12.79 -8.77 12.29
CA GLU D 34 12.63 -7.43 12.80
C GLU D 34 12.49 -6.36 11.72
N ARG D 35 11.78 -5.29 12.05
CA ARG D 35 11.74 -4.10 11.24
C ARG D 35 12.87 -3.15 11.71
N ILE D 36 13.58 -2.55 10.78
CA ILE D 36 14.54 -1.50 11.10
C ILE D 36 14.10 -0.21 10.37
N ILE D 37 14.13 0.89 11.10
CA ILE D 37 13.86 2.21 10.54
C ILE D 37 15.10 3.11 10.66
N SER D 38 15.67 3.47 9.52
CA SER D 38 16.75 4.43 9.44
C SER D 38 16.22 5.77 8.93
N ASN D 39 16.94 6.82 9.27
CA ASN D 39 16.69 8.17 8.81
C ASN D 39 18.04 8.82 8.55
N GLY D 40 18.81 8.23 7.65
CA GLY D 40 20.06 8.83 7.18
C GLY D 40 21.31 8.43 7.93
N GLN D 41 21.19 7.51 8.88
CA GLN D 41 22.35 7.08 9.66
C GLN D 41 23.16 6.04 8.89
N ALA D 42 24.41 5.89 9.32
CA ALA D 42 25.32 4.91 8.74
C ALA D 42 26.12 4.32 9.90
N SER D 43 26.82 3.22 9.63
CA SER D 43 27.66 2.62 10.63
C SER D 43 28.80 3.59 10.96
N PRO D 44 29.19 3.72 12.25
CA PRO D 44 30.30 4.61 12.58
C PRO D 44 31.59 4.17 11.94
N PRO D 45 32.54 5.11 11.70
CA PRO D 45 33.88 4.80 11.15
C PRO D 45 34.56 3.63 11.86
N GLY D 46 35.05 2.66 11.09
CA GLY D 46 35.70 1.47 11.65
C GLY D 46 34.80 0.39 12.27
N PHE D 47 33.48 0.59 12.23
CA PHE D 47 32.56 -0.39 12.81
C PHE D 47 32.16 -1.42 11.77
N TRP D 48 32.27 -2.69 12.14
CA TRP D 48 31.77 -3.77 11.33
C TRP D 48 30.91 -4.68 12.20
N TYR D 49 29.80 -5.15 11.63
CA TYR D 49 28.98 -6.18 12.23
C TYR D 49 29.69 -7.51 12.05
N ASP D 50 29.59 -8.39 13.04
CA ASP D 50 30.18 -9.72 12.96
C ASP D 50 29.31 -10.59 13.86
N SER D 51 28.36 -11.33 13.26
CA SER D 51 27.38 -12.13 13.99
C SER D 51 27.63 -13.63 13.87
N PRO D 52 27.35 -14.40 14.94
CA PRO D 52 27.40 -15.86 14.84
C PRO D 52 26.18 -16.44 14.12
N GLN D 53 25.19 -15.57 13.84
CA GLN D 53 24.02 -15.92 13.07
C GLN D 53 24.12 -15.39 11.64
N ASP D 54 23.40 -16.06 10.76
CA ASP D 54 23.22 -15.59 9.42
C ASP D 54 22.23 -14.42 9.49
N GLU D 55 22.27 -13.54 8.50
CA GLU D 55 21.29 -12.47 8.39
C GLU D 55 20.86 -12.40 6.94
N TRP D 56 19.56 -12.31 6.76
CA TRP D 56 18.94 -12.08 5.46
C TRP D 56 18.22 -10.74 5.64
N VAL D 57 18.60 -9.74 4.85
CA VAL D 57 18.07 -8.38 5.07
C VAL D 57 17.67 -7.76 3.75
N MSE D 58 16.59 -6.98 3.79
CA MSE D 58 16.02 -6.38 2.63
C MSE D 58 15.61 -4.95 2.85
O MSE D 58 15.08 -4.61 3.91
CB MSE D 58 14.78 -7.16 2.24
CG MSE D 58 14.18 -6.71 0.94
SE MSE D 58 12.49 -7.73 0.43
CE MSE D 58 11.73 -7.59 2.03
N VAL D 59 15.80 -4.11 1.83
CA VAL D 59 15.30 -2.76 1.84
C VAL D 59 13.88 -2.79 1.28
N VAL D 60 12.92 -2.34 2.07
CA VAL D 60 11.50 -2.30 1.66
C VAL D 60 11.11 -0.90 1.14
N SER D 61 11.68 0.12 1.75
CA SER D 61 11.46 1.50 1.33
C SER D 61 12.72 2.28 1.62
N GLY D 62 12.93 3.35 0.87
CA GLY D 62 14.13 4.19 0.98
C GLY D 62 15.26 3.59 0.18
N SER D 63 16.47 3.77 0.67
CA SER D 63 17.67 3.29 -0.06
C SER D 63 18.86 3.26 0.89
N ALA D 64 19.82 2.41 0.58
CA ALA D 64 21.02 2.28 1.40
C ALA D 64 22.19 1.69 0.65
N GLY D 65 23.37 1.80 1.27
CA GLY D 65 24.56 1.13 0.74
C GLY D 65 25.12 0.25 1.84
N ILE D 66 25.30 -1.04 1.55
CA ILE D 66 25.92 -1.96 2.50
C ILE D 66 27.25 -2.43 1.91
N GLU D 67 28.29 -2.39 2.72
CA GLU D 67 29.61 -2.87 2.34
C GLU D 67 29.93 -4.17 3.09
N CYS D 68 30.26 -5.23 2.38
CA CYS D 68 30.73 -6.48 3.01
C CYS D 68 32.22 -6.44 2.92
N GLU D 69 32.93 -7.04 3.88
CA GLU D 69 34.39 -6.91 3.90
C GLU D 69 34.98 -7.64 2.69
N GLY D 70 35.89 -6.97 1.98
CA GLY D 70 36.40 -7.43 0.69
C GLY D 70 35.83 -6.73 -0.54
N ASP D 71 34.67 -6.09 -0.42
CA ASP D 71 34.05 -5.35 -1.54
C ASP D 71 34.88 -4.18 -2.00
N THR D 72 34.89 -3.94 -3.31
CA THR D 72 35.56 -2.76 -3.87
C THR D 72 34.74 -1.46 -3.57
N ALA D 73 33.43 -1.63 -3.34
CA ALA D 73 32.49 -0.50 -3.13
C ALA D 73 31.19 -1.00 -2.48
N PRO D 74 30.46 -0.13 -1.76
CA PRO D 74 29.15 -0.57 -1.20
C PRO D 74 28.14 -1.05 -2.25
N ARG D 75 27.31 -2.02 -1.88
CA ARG D 75 26.25 -2.47 -2.78
C ARG D 75 25.10 -1.52 -2.55
N VAL D 76 24.57 -0.91 -3.60
CA VAL D 76 23.45 -0.02 -3.47
C VAL D 76 22.18 -0.88 -3.39
N MSE D 77 21.34 -0.57 -2.42
CA MSE D 77 20.12 -1.32 -2.20
C MSE D 77 18.92 -0.38 -2.25
O MSE D 77 18.92 0.69 -1.66
CB MSE D 77 20.22 -2.07 -0.92
CG MSE D 77 21.32 -3.21 -1.00
SE MSE D 77 21.44 -4.13 0.65
CE MSE D 77 19.87 -5.37 0.45
N ARG D 78 17.93 -0.80 -3.04
CA ARG D 78 16.70 -0.07 -3.29
C ARG D 78 15.56 -0.99 -2.96
N PRO D 79 14.32 -0.47 -2.93
CA PRO D 79 13.19 -1.36 -2.58
C PRO D 79 13.18 -2.74 -3.30
N GLY D 80 13.11 -3.80 -2.51
CA GLY D 80 13.02 -5.15 -3.04
C GLY D 80 14.37 -5.86 -3.01
N ASP D 81 15.44 -5.07 -2.90
CA ASP D 81 16.81 -5.61 -2.87
C ASP D 81 17.06 -6.28 -1.54
N TRP D 82 17.58 -7.51 -1.60
CA TRP D 82 17.92 -8.30 -0.44
C TRP D 82 19.37 -8.79 -0.50
N LEU D 83 19.89 -9.13 0.65
CA LEU D 83 21.28 -9.57 0.81
C LEU D 83 21.35 -10.60 1.90
N HIS D 84 22.06 -11.68 1.62
CA HIS D 84 22.34 -12.69 2.61
C HIS D 84 23.77 -12.48 3.09
N VAL D 85 23.92 -12.28 4.39
CA VAL D 85 25.23 -12.11 5.01
C VAL D 85 25.46 -13.31 5.93
N PRO D 86 26.32 -14.25 5.50
CA PRO D 86 26.52 -15.40 6.35
C PRO D 86 27.13 -15.05 7.69
N ALA D 87 27.01 -15.96 8.64
CA ALA D 87 27.56 -15.81 9.97
C ALA D 87 29.07 -15.59 9.84
N HIS D 88 29.56 -14.61 10.59
CA HIS D 88 30.96 -14.18 10.62
C HIS D 88 31.46 -13.39 9.43
N CYS D 89 30.63 -13.18 8.40
CA CYS D 89 30.99 -12.29 7.27
CA CYS D 89 31.04 -12.32 7.31
C CYS D 89 30.76 -10.90 7.79
N ARG D 90 31.77 -10.05 7.74
CA ARG D 90 31.65 -8.73 8.32
C ARG D 90 31.07 -7.77 7.31
N HIS D 91 30.21 -6.88 7.78
CA HIS D 91 29.58 -5.90 6.90
C HIS D 91 29.23 -4.68 7.71
N ARG D 92 28.85 -3.62 7.02
CA ARG D 92 28.48 -2.37 7.66
C ARG D 92 27.56 -1.55 6.74
N VAL D 93 26.89 -0.55 7.30
CA VAL D 93 26.03 0.31 6.51
C VAL D 93 26.83 1.54 6.16
N ALA D 94 27.08 1.72 4.87
CA ALA D 94 27.82 2.86 4.38
C ALA D 94 26.95 4.11 4.40
N TRP D 95 25.67 3.98 4.05
CA TRP D 95 24.78 5.10 4.08
C TRP D 95 23.32 4.63 4.04
N THR D 96 22.41 5.52 4.45
CA THR D 96 20.99 5.33 4.26
C THR D 96 20.44 6.59 3.67
N ASP D 97 19.28 6.47 3.04
CA ASP D 97 18.64 7.57 2.35
C ASP D 97 18.60 8.84 3.21
N GLY D 98 19.04 9.95 2.62
CA GLY D 98 19.04 11.25 3.31
C GLY D 98 17.73 12.00 3.26
N GLY D 99 16.84 11.61 2.35
CA GLY D 99 15.59 12.33 2.13
C GLY D 99 14.32 11.68 2.63
N GLU D 100 14.37 10.42 3.06
CA GLU D 100 13.20 9.72 3.55
C GLU D 100 13.63 8.53 4.40
N PRO D 101 12.69 7.95 5.15
CA PRO D 101 13.09 6.82 5.97
C PRO D 101 13.41 5.62 5.16
N THR D 102 14.41 4.88 5.62
CA THR D 102 14.70 3.60 5.01
C THR D 102 14.10 2.54 5.94
N VAL D 103 13.16 1.76 5.40
CA VAL D 103 12.47 0.69 6.12
C VAL D 103 13.06 -0.65 5.64
N TRP D 104 13.63 -1.41 6.58
CA TRP D 104 14.23 -2.69 6.31
C TRP D 104 13.46 -3.84 6.95
N LEU D 105 13.54 -5.00 6.34
CA LEU D 105 13.10 -6.22 6.97
C LEU D 105 14.33 -7.10 7.17
N ALA D 106 14.61 -7.55 8.39
CA ALA D 106 15.81 -8.37 8.61
C ALA D 106 15.46 -9.64 9.31
N VAL D 107 16.09 -10.73 8.87
CA VAL D 107 15.86 -12.03 9.47
C VAL D 107 17.18 -12.57 9.99
N HIS D 108 17.20 -12.97 11.26
CA HIS D 108 18.41 -13.54 11.88
C HIS D 108 18.14 -15.00 12.18
N CYS D 109 18.99 -15.88 11.64
CA CYS D 109 18.81 -17.31 11.82
C CYS D 109 20.13 -18.06 11.90
N ASP D 110 20.07 -19.33 12.23
CA ASP D 110 21.29 -20.10 12.44
C ASP D 110 22.09 -20.29 11.17
N ALA D 111 23.39 -20.43 11.33
CA ALA D 111 24.32 -20.57 10.20
C ALA D 111 24.19 -21.93 9.50
N ALA D 112 24.87 -22.06 8.36
CA ALA D 112 24.78 -23.27 7.50
C ALA D 112 25.14 -24.57 8.23
O1 UNL E . -22.68 1.54 -4.44
O2 UNL E . -21.43 1.22 -4.87
O3 UNL E . -20.92 2.26 -5.53
O4 UNL E . -21.88 3.26 -5.52
O5 UNL E . -22.94 2.80 -4.84
C1 GOL F . -13.83 -12.89 1.12
O1 GOL F . -13.13 -13.36 -0.02
C2 GOL F . -15.08 -12.03 0.83
O2 GOL F . -16.12 -12.81 0.28
C3 GOL F . -14.70 -10.90 -0.12
O3 GOL F . -15.52 -9.75 -0.03
C1 GOL G . -8.49 -6.18 -8.96
O1 GOL G . -9.11 -7.14 -9.80
C2 GOL G . -7.73 -6.79 -7.79
O2 GOL G . -8.03 -8.14 -7.58
C3 GOL G . -8.07 -6.15 -6.48
O3 GOL G . -7.75 -4.82 -6.46
O1 UNL H . 2.04 16.81 -4.61
O2 UNL H . 1.94 18.14 -4.80
O3 UNL H . 0.97 18.61 -4.04
O4 UNL H . 0.42 17.53 -3.37
O5 UNL H . 1.09 16.45 -3.74
C1 GOL I . 0.71 3.63 6.50
O1 GOL I . 0.61 3.23 5.15
C2 GOL I . -0.72 3.70 7.04
O2 GOL I . -0.97 5.01 7.50
C3 GOL I . -0.98 2.71 8.16
O3 GOL I . -0.71 1.41 7.69
CL CL J . 24.08 -21.74 1.44
O1 UNL K . 0.38 -17.52 -0.54
O2 UNL K . 0.83 -16.98 0.62
O3 UNL K . 1.04 -17.95 1.54
O4 UNL K . 0.67 -19.13 0.91
O5 UNL K . 0.28 -18.84 -0.34
C1 GOL L . -3.44 -1.21 5.70
O1 GOL L . -3.40 -2.20 4.72
C2 GOL L . -4.05 -1.77 6.95
O2 GOL L . -3.61 -3.09 7.18
C3 GOL L . -3.60 -0.87 8.09
O3 GOL L . -3.80 0.47 7.72
O1 UNL M . 20.39 -1.77 8.71
O2 UNL M . 21.00 -2.91 9.03
O3 UNL M . 21.63 -2.74 10.18
O4 UNL M . 21.41 -1.43 10.58
O5 UNL M . 20.61 -0.85 9.66
C1 GOL N . 12.79 4.90 -3.77
O1 GOL N . 14.01 5.40 -3.29
C2 GOL N . 11.60 5.36 -2.92
O2 GOL N . 11.62 6.75 -2.71
C3 GOL N . 11.54 4.58 -1.63
O3 GOL N . 10.34 3.88 -1.51
#